data_5UGN
#
_entry.id   5UGN
#
_cell.length_a   50.778
_cell.length_b   79.922
_cell.length_c   55.321
_cell.angle_alpha   90.00
_cell.angle_beta   107.67
_cell.angle_gamma   90.00
#
_symmetry.space_group_name_H-M   'P 1 21 1'
#
loop_
_entity.id
_entity.type
_entity.pdbx_description
1 polymer "DNA (5'-D(*CP*CP*GP*AP*CP*GP*GP*CP*GP*CP*AP*TP*CP*AP*GP*C)-3')"
2 polymer "DNA (5'-D(*GP*CP*TP*GP*AP*TP*GP*CP*GP*CP*C)-3')"
3 polymer "DNA (5'-D(P*GP*TP*CP*GP*G)-3')"
4 polymer 'DNA polymerase beta'
5 non-polymer 'IMIDODIPHOSPHORIC ACID'
6 non-polymer 'MAGNESIUM ION'
7 non-polymer "2'-deoxy-5'-O-[(R)-hydroxy{[(R)-hydroxy(phosphonoamino)phosphoryl]oxy}phosphoryl]cytidine"
8 water water
#
loop_
_entity_poly.entity_id
_entity_poly.type
_entity_poly.pdbx_seq_one_letter_code
_entity_poly.pdbx_strand_id
1 'polydeoxyribonucleotide' (DC)(DC)(DG)(DA)(DC)(DG)(DG)(DC)(DG)(DC)(DA)(DT)(DC)(DA)(DG)(DC) T
2 'polydeoxyribonucleotide' (DG)(DC)(DT)(DG)(DA)(DT)(DG)(DC)(DG)(DC)(DC) P
3 'polydeoxyribonucleotide' (DG)(DT)(DC)(DG)(DG) D
4 'polypeptide(L)'
;MSKRKAPQETLNGGITDMLTELANFEKNVSQAIHKYNAYRKAASVIAKYPHKIKSGAEAKKLPGVGTKIAEKIDEFLATG
KLRKLEKIRQDDTSSSINFLTRVSGIGPSAARKFVDEGIKTLEDLRKNEDKLNHHQRIGLKYFGDFEKRIPREEMLQMQD
IVLNEVKKVDSEYIATVCGSFRRGAESSGDMDVLLTHPSFTSESTKQPKLLHQVVEQLQKVHFITDTLSKGETKFMGVCQ
LPSKNDEKEYPHRRIDIRLIPKDQYYCGVLYFTGSDIFNKNMRAHALEKGFTINEYTIRPLGVTGVAGEPLPVDSEKDIF
DYIQWKYREPKDRSE
;
A
#
# COMPACT_ATOMS: atom_id res chain seq x y z
N THR D 10 -19.72 1.16 8.54
CA THR D 10 -19.27 -0.07 9.17
C THR D 10 -19.66 -0.13 10.64
N LEU D 11 -19.69 -1.34 11.18
CA LEU D 11 -20.25 -1.59 12.50
C LEU D 11 -19.54 -0.80 13.59
N ASN D 12 -18.21 -0.73 13.52
CA ASN D 12 -17.41 -0.11 14.57
C ASN D 12 -16.54 1.02 13.99
N GLY D 13 -17.09 1.73 13.00
CA GLY D 13 -16.31 2.72 12.28
C GLY D 13 -15.84 3.86 13.16
N GLY D 14 -16.62 4.23 14.16
CA GLY D 14 -16.16 5.27 15.08
C GLY D 14 -14.85 4.89 15.75
N ILE D 15 -14.79 3.66 16.27
CA ILE D 15 -13.59 3.17 16.95
C ILE D 15 -12.43 3.02 15.96
N THR D 16 -12.67 2.36 14.84
CA THR D 16 -11.56 2.11 13.92
C THR D 16 -10.99 3.42 13.36
N ASP D 17 -11.84 4.41 13.09
CA ASP D 17 -11.34 5.73 12.70
C ASP D 17 -10.45 6.32 13.79
N MET D 18 -10.91 6.25 15.04
CA MET D 18 -10.13 6.74 16.16
C MET D 18 -8.74 6.13 16.18
N LEU D 19 -8.68 4.81 16.07
CA LEU D 19 -7.41 4.11 16.15
C LEU D 19 -6.53 4.43 14.95
N THR D 20 -7.13 4.60 13.77
CA THR D 20 -6.36 4.99 12.60
C THR D 20 -5.75 6.39 12.77
N GLU D 21 -6.52 7.32 13.34
CA GLU D 21 -6.00 8.65 13.57
C GLU D 21 -4.88 8.62 14.61
N LEU D 22 -5.03 7.80 15.64
CA LEU D 22 -3.93 7.61 16.59
C LEU D 22 -2.71 7.00 15.88
N ALA D 23 -2.94 5.97 15.06
CA ALA D 23 -1.86 5.38 14.28
C ALA D 23 -1.11 6.43 13.46
N ASN D 24 -1.86 7.28 12.75
CA ASN D 24 -1.19 8.29 11.92
C ASN D 24 -0.41 9.28 12.78
N PHE D 25 -0.92 9.59 13.97
CA PHE D 25 -0.21 10.50 14.86
C PHE D 25 1.13 9.91 15.27
N GLU D 26 1.14 8.64 15.69
CA GLU D 26 2.40 8.03 16.12
C GLU D 26 3.39 7.94 14.98
N LYS D 27 2.93 7.62 13.77
CA LYS D 27 3.84 7.53 12.64
C LYS D 27 4.35 8.92 12.24
N ASN D 28 3.44 9.86 12.04
CA ASN D 28 3.80 11.12 11.41
C ASN D 28 4.47 12.08 12.39
N VAL D 29 3.96 12.16 13.63
CA VAL D 29 4.40 13.15 14.61
C VAL D 29 5.38 12.55 15.60
N SER D 30 4.98 11.47 16.26
CA SER D 30 5.82 10.85 17.27
C SER D 30 7.00 10.09 16.66
N GLN D 31 6.90 9.70 15.40
CA GLN D 31 7.88 8.84 14.77
C GLN D 31 8.12 7.58 15.62
N ALA D 32 7.03 6.91 15.95
CA ALA D 32 7.04 5.68 16.76
C ALA D 32 6.38 4.55 15.95
N ILE D 33 7.15 3.93 15.06
CA ILE D 33 6.58 3.07 14.02
C ILE D 33 5.89 1.86 14.61
N HIS D 34 6.30 1.40 15.78
CA HIS D 34 5.66 0.20 16.32
C HIS D 34 4.31 0.52 16.93
N LYS D 35 4.16 1.71 17.52
CA LYS D 35 2.84 2.14 17.96
C LYS D 35 1.91 2.33 16.76
N TYR D 36 2.45 2.85 15.65
CA TYR D 36 1.65 2.97 14.44
C TYR D 36 1.14 1.60 14.00
N ASN D 37 2.04 0.61 13.94
CA ASN D 37 1.63 -0.75 13.58
C ASN D 37 0.67 -1.34 14.60
N ALA D 38 0.90 -1.08 15.90
CA ALA D 38 -0.01 -1.60 16.93
C ALA D 38 -1.42 -1.06 16.72
N TYR D 39 -1.55 0.26 16.53
CA TYR D 39 -2.86 0.84 16.31
C TYR D 39 -3.53 0.29 15.07
N ARG D 40 -2.78 0.16 13.97
CA ARG D 40 -3.39 -0.32 12.73
C ARG D 40 -3.78 -1.79 12.82
N LYS D 41 -3.01 -2.60 13.55
CA LYS D 41 -3.40 -3.99 13.78
C LYS D 41 -4.68 -4.07 14.62
N ALA D 42 -4.77 -3.26 15.67
CA ALA D 42 -6.00 -3.21 16.46
C ALA D 42 -7.18 -2.73 15.63
N ALA D 43 -6.96 -1.71 14.78
CA ALA D 43 -8.05 -1.21 13.95
C ALA D 43 -8.53 -2.28 12.98
N SER D 44 -7.59 -3.05 12.42
CA SER D 44 -7.96 -4.08 11.45
C SER D 44 -8.75 -5.20 12.11
N VAL D 45 -8.30 -5.65 13.28
CA VAL D 45 -8.99 -6.77 13.91
C VAL D 45 -10.39 -6.35 14.39
N ILE D 46 -10.55 -5.08 14.78
CA ILE D 46 -11.87 -4.60 15.18
C ILE D 46 -12.75 -4.41 13.95
N ALA D 47 -12.16 -4.00 12.82
CA ALA D 47 -12.96 -3.77 11.62
C ALA D 47 -13.69 -5.03 11.15
N LYS D 48 -13.07 -6.20 11.31
CA LYS D 48 -13.73 -7.43 10.85
C LYS D 48 -14.47 -8.16 11.96
N TYR D 49 -14.41 -7.67 13.19
CA TYR D 49 -15.24 -8.20 14.28
C TYR D 49 -16.71 -8.01 13.92
N PRO D 50 -17.52 -9.07 13.93
CA PRO D 50 -18.89 -8.97 13.38
C PRO D 50 -19.96 -8.45 14.33
N HIS D 51 -19.58 -7.86 15.46
CA HIS D 51 -20.51 -7.31 16.43
C HIS D 51 -20.22 -5.83 16.66
N LYS D 52 -21.27 -5.07 16.96
CA LYS D 52 -21.07 -3.71 17.43
C LYS D 52 -20.51 -3.75 18.84
N ILE D 53 -19.30 -3.23 19.03
CA ILE D 53 -18.60 -3.40 20.29
C ILE D 53 -19.31 -2.59 21.38
N LYS D 54 -19.57 -3.23 22.53
CA LYS D 54 -20.25 -2.61 23.65
C LYS D 54 -19.32 -2.05 24.71
N SER D 55 -18.06 -2.45 24.73
CA SER D 55 -17.17 -2.05 25.82
C SER D 55 -15.73 -2.32 25.45
N GLY D 56 -14.82 -1.62 26.13
CA GLY D 56 -13.41 -1.91 25.97
C GLY D 56 -13.07 -3.35 26.32
N ALA D 57 -13.70 -3.88 27.38
CA ALA D 57 -13.46 -5.26 27.78
C ALA D 57 -13.74 -6.23 26.65
N GLU D 58 -14.88 -6.05 25.97
CA GLU D 58 -15.21 -6.91 24.84
C GLU D 58 -14.17 -6.80 23.74
N ALA D 59 -13.68 -5.58 23.49
CA ALA D 59 -12.65 -5.41 22.46
C ALA D 59 -11.34 -6.03 22.89
N LYS D 60 -11.02 -5.97 24.19
CA LYS D 60 -9.73 -6.48 24.65
C LYS D 60 -9.60 -7.98 24.41
N LYS D 61 -10.73 -8.69 24.24
CA LYS D 61 -10.65 -10.11 23.91
C LYS D 61 -10.03 -10.36 22.54
N LEU D 62 -9.98 -9.36 21.68
CA LEU D 62 -9.43 -9.52 20.34
C LEU D 62 -7.91 -9.39 20.35
N PRO D 63 -7.20 -10.15 19.50
CA PRO D 63 -5.74 -10.07 19.45
C PRO D 63 -5.27 -8.76 18.84
N GLY D 64 -4.37 -8.07 19.53
CA GLY D 64 -3.91 -6.76 19.11
C GLY D 64 -4.52 -5.62 19.91
N VAL D 65 -5.61 -5.87 20.62
CA VAL D 65 -6.21 -4.88 21.51
C VAL D 65 -5.77 -5.20 22.92
N GLY D 66 -5.08 -4.25 23.58
CA GLY D 66 -4.63 -4.40 24.92
C GLY D 66 -5.32 -3.45 25.88
N THR D 67 -4.69 -3.25 27.04
CA THR D 67 -5.30 -2.44 28.10
C THR D 67 -5.48 -0.99 27.66
N LYS D 68 -4.46 -0.40 27.04
CA LYS D 68 -4.52 1.03 26.71
C LYS D 68 -5.61 1.30 25.68
N ILE D 69 -5.68 0.49 24.62
CA ILE D 69 -6.73 0.71 23.62
C ILE D 69 -8.11 0.42 24.21
N ALA D 70 -8.19 -0.60 25.07
CA ALA D 70 -9.47 -0.89 25.73
C ALA D 70 -9.95 0.32 26.54
N GLU D 71 -9.05 0.98 27.26
CA GLU D 71 -9.42 2.21 27.98
C GLU D 71 -9.91 3.27 27.00
N LYS D 72 -9.18 3.48 25.90
CA LYS D 72 -9.57 4.49 24.93
C LYS D 72 -10.94 4.18 24.36
N ILE D 73 -11.21 2.89 24.12
CA ILE D 73 -12.50 2.48 23.59
C ILE D 73 -13.63 2.75 24.58
N ASP D 74 -13.38 2.59 25.89
CA ASP D 74 -14.41 2.95 26.87
C ASP D 74 -14.66 4.46 26.87
N GLU D 75 -13.60 5.26 26.76
CA GLU D 75 -13.80 6.70 26.65
C GLU D 75 -14.60 7.05 25.40
N PHE D 76 -14.23 6.47 24.26
CA PHE D 76 -14.94 6.81 23.02
C PHE D 76 -16.39 6.38 23.07
N LEU D 77 -16.68 5.20 23.61
CA LEU D 77 -18.07 4.76 23.68
C LEU D 77 -18.87 5.66 24.61
N ALA D 78 -18.25 6.09 25.71
CA ALA D 78 -18.94 6.91 26.69
C ALA D 78 -19.26 8.30 26.14
N THR D 79 -18.31 8.93 25.46
CA THR D 79 -18.43 10.34 25.11
C THR D 79 -18.53 10.61 23.63
N GLY D 80 -18.16 9.66 22.77
CA GLY D 80 -18.10 9.89 21.35
C GLY D 80 -16.80 10.51 20.88
N LYS D 81 -15.80 10.65 21.74
CA LYS D 81 -14.55 11.30 21.34
C LYS D 81 -13.43 10.82 22.24
N LEU D 82 -12.22 11.26 21.92
CA LEU D 82 -11.03 10.95 22.72
C LEU D 82 -10.32 12.26 23.03
N ARG D 83 -10.26 12.62 24.32
CA ARG D 83 -9.58 13.84 24.71
C ARG D 83 -8.16 13.91 24.15
N LYS D 84 -7.44 12.78 24.18
CA LYS D 84 -6.07 12.76 23.66
C LYS D 84 -6.03 13.20 22.20
N LEU D 85 -6.99 12.74 21.39
CA LEU D 85 -7.04 13.17 20.00
C LEU D 85 -7.52 14.60 19.89
N GLU D 86 -8.48 14.99 20.74
CA GLU D 86 -8.99 16.36 20.71
C GLU D 86 -7.84 17.34 20.93
N LYS D 87 -6.94 17.02 21.86
CA LYS D 87 -5.78 17.87 22.09
C LYS D 87 -4.85 17.87 20.89
N ILE D 88 -4.63 16.70 20.27
CA ILE D 88 -3.72 16.64 19.14
C ILE D 88 -4.23 17.49 17.99
N ARG D 89 -5.54 17.46 17.74
CA ARG D 89 -6.12 18.25 16.66
C ARG D 89 -5.87 19.74 16.86
N GLN D 90 -5.74 20.18 18.12
CA GLN D 90 -5.51 21.57 18.46
C GLN D 90 -4.05 22.00 18.40
N ASP D 91 -3.12 21.04 18.35
CA ASP D 91 -1.69 21.36 18.31
C ASP D 91 -1.27 21.74 16.89
N ASP D 92 -0.76 22.96 16.72
CA ASP D 92 -0.44 23.45 15.38
C ASP D 92 0.71 22.68 14.75
N THR D 93 1.76 22.38 15.53
CA THR D 93 2.85 21.62 14.97
C THR D 93 2.39 20.23 14.52
N SER D 94 1.60 19.56 15.36
CA SER D 94 1.12 18.24 14.97
C SER D 94 0.23 18.32 13.74
N SER D 95 -0.67 19.30 13.70
CA SER D 95 -1.54 19.46 12.55
C SER D 95 -0.74 19.77 11.29
N SER D 96 0.30 20.59 11.42
CA SER D 96 1.11 20.94 10.26
C SER D 96 1.85 19.72 9.74
N ILE D 97 2.52 19.00 10.64
CA ILE D 97 3.27 17.80 10.25
C ILE D 97 2.34 16.76 9.64
N ASN D 98 1.17 16.54 10.24
CA ASN D 98 0.23 15.57 9.69
C ASN D 98 -0.22 15.98 8.30
N PHE D 99 -0.42 17.27 8.06
CA PHE D 99 -0.81 17.68 6.72
C PHE D 99 0.31 17.42 5.72
N LEU D 100 1.53 17.85 6.03
CA LEU D 100 2.61 17.77 5.05
C LEU D 100 2.88 16.32 4.64
N THR D 101 2.75 15.37 5.58
CA THR D 101 2.99 13.97 5.23
C THR D 101 1.98 13.42 4.22
N ARG D 102 0.86 14.11 4.01
CA ARG D 102 -0.10 13.68 2.99
C ARG D 102 0.43 13.86 1.57
N VAL D 103 1.49 14.62 1.38
CA VAL D 103 2.14 14.73 0.08
C VAL D 103 3.03 13.52 -0.13
N SER D 104 2.87 12.85 -1.28
CA SER D 104 3.73 11.70 -1.57
C SER D 104 5.17 12.17 -1.65
N GLY D 105 6.04 11.48 -0.92
CA GLY D 105 7.45 11.82 -0.86
C GLY D 105 7.84 12.61 0.37
N ILE D 106 6.88 13.19 1.07
CA ILE D 106 7.12 13.87 2.33
C ILE D 106 6.76 12.90 3.45
N GLY D 107 7.76 12.41 4.18
CA GLY D 107 7.52 11.57 5.32
C GLY D 107 7.65 12.37 6.61
N PRO D 108 7.67 11.65 7.74
CA PRO D 108 7.72 12.32 9.05
C PRO D 108 8.90 13.25 9.22
N SER D 109 10.07 12.86 8.73
CA SER D 109 11.28 13.66 8.95
C SER D 109 11.27 14.93 8.12
N ALA D 110 11.00 14.80 6.82
CA ALA D 110 10.92 15.99 5.98
C ALA D 110 9.78 16.91 6.40
N ALA D 111 8.67 16.35 6.91
CA ALA D 111 7.57 17.19 7.35
C ALA D 111 7.99 18.07 8.51
N ARG D 112 8.67 17.48 9.49
CA ARG D 112 9.16 18.24 10.64
C ARG D 112 10.20 19.26 10.20
N LYS D 113 11.04 18.90 9.24
CA LYS D 113 12.04 19.82 8.72
C LYS D 113 11.38 21.01 8.01
N PHE D 114 10.36 20.76 7.18
CA PHE D 114 9.69 21.87 6.50
C PHE D 114 9.05 22.81 7.51
N VAL D 115 8.32 22.26 8.48
CA VAL D 115 7.71 23.09 9.51
C VAL D 115 8.77 23.95 10.20
N ASP D 116 9.91 23.33 10.57
CA ASP D 116 11.01 24.09 11.15
C ASP D 116 11.37 25.32 10.33
N GLU D 117 11.41 25.14 9.01
CA GLU D 117 11.75 26.21 8.08
C GLU D 117 10.57 27.11 7.76
N GLY D 118 9.44 26.91 8.44
CA GLY D 118 8.27 27.71 8.17
C GLY D 118 7.54 27.38 6.88
N ILE D 119 7.69 26.17 6.38
CA ILE D 119 6.93 25.70 5.23
C ILE D 119 5.88 24.73 5.78
N LYS D 120 4.62 25.18 5.88
CA LYS D 120 3.64 24.36 6.59
C LYS D 120 2.24 24.39 5.97
N THR D 121 2.05 24.96 4.80
CA THR D 121 0.76 24.93 4.13
C THR D 121 0.95 24.57 2.67
N LEU D 122 -0.16 24.26 2.02
CA LEU D 122 -0.13 23.96 0.59
C LEU D 122 0.41 25.15 -0.21
N GLU D 123 0.04 26.38 0.17
CA GLU D 123 0.59 27.55 -0.50
C GLU D 123 2.10 27.67 -0.26
N ASP D 124 2.54 27.35 0.96
CA ASP D 124 3.98 27.34 1.26
C ASP D 124 4.72 26.40 0.33
N LEU D 125 4.22 25.17 0.20
CA LEU D 125 4.84 24.19 -0.66
C LEU D 125 4.94 24.69 -2.10
N ARG D 126 3.85 25.27 -2.60
CA ARG D 126 3.79 25.63 -4.01
C ARG D 126 4.80 26.70 -4.38
N LYS D 127 5.10 27.61 -3.47
CA LYS D 127 6.08 28.66 -3.74
C LYS D 127 7.48 28.27 -3.31
N ASN D 128 7.67 27.06 -2.79
CA ASN D 128 9.00 26.53 -2.47
C ASN D 128 9.29 25.23 -3.21
N GLU D 129 8.82 25.11 -4.45
CA GLU D 129 9.05 23.87 -5.18
C GLU D 129 10.53 23.57 -5.35
N ASP D 130 11.37 24.59 -5.36
CA ASP D 130 12.79 24.32 -5.53
C ASP D 130 13.41 23.66 -4.29
N LYS D 131 12.68 23.61 -3.17
CA LYS D 131 13.16 22.90 -1.99
C LYS D 131 12.66 21.46 -1.92
N LEU D 132 11.89 21.01 -2.91
CA LEU D 132 11.38 19.65 -2.97
C LEU D 132 12.25 18.79 -3.88
N ASN D 133 12.45 17.54 -3.50
CA ASN D 133 13.04 16.60 -4.44
C ASN D 133 12.00 16.23 -5.50
N HIS D 134 12.40 15.39 -6.45
CA HIS D 134 11.53 15.12 -7.60
C HIS D 134 10.23 14.44 -7.19
N HIS D 135 10.33 13.38 -6.40
CA HIS D 135 9.14 12.70 -5.89
C HIS D 135 8.17 13.69 -5.27
N GLN D 136 8.67 14.50 -4.33
CA GLN D 136 7.83 15.45 -3.61
C GLN D 136 7.18 16.45 -4.56
N ARG D 137 7.93 16.92 -5.56
CA ARG D 137 7.38 17.84 -6.54
C ARG D 137 6.15 17.25 -7.24
N ILE D 138 6.24 16.00 -7.68
CA ILE D 138 5.10 15.38 -8.34
C ILE D 138 3.98 15.10 -7.34
N GLY D 139 4.33 14.67 -6.12
CA GLY D 139 3.31 14.51 -5.09
C GLY D 139 2.53 15.79 -4.85
N LEU D 140 3.23 16.92 -4.84
CA LEU D 140 2.54 18.19 -4.66
C LEU D 140 1.68 18.52 -5.88
N LYS D 141 2.24 18.30 -7.08
CA LYS D 141 1.54 18.58 -8.32
C LYS D 141 0.17 17.91 -8.37
N TYR D 142 0.10 16.65 -7.95
CA TYR D 142 -1.14 15.88 -8.00
C TYR D 142 -1.74 15.68 -6.62
N PHE D 143 -1.48 16.60 -5.69
CA PHE D 143 -1.97 16.43 -4.31
C PHE D 143 -3.44 16.08 -4.26
N GLY D 144 -4.26 16.85 -4.96
CA GLY D 144 -5.69 16.60 -4.91
C GLY D 144 -6.06 15.29 -5.55
N ASP D 145 -5.52 15.02 -6.74
CA ASP D 145 -5.88 13.80 -7.47
C ASP D 145 -5.55 12.56 -6.65
N PHE D 146 -4.38 12.53 -6.00
CA PHE D 146 -3.93 11.32 -5.33
C PHE D 146 -4.74 11.00 -4.08
N GLU D 147 -5.55 11.91 -3.59
CA GLU D 147 -6.42 11.55 -2.48
C GLU D 147 -7.78 11.06 -2.96
N LYS D 148 -8.05 11.11 -4.26
CA LYS D 148 -9.28 10.55 -4.78
C LYS D 148 -9.14 9.04 -4.98
N ARG D 149 -10.23 8.33 -4.76
CA ARG D 149 -10.24 6.90 -5.00
C ARG D 149 -10.63 6.58 -6.45
N ILE D 150 -10.31 5.38 -6.89
CA ILE D 150 -10.48 4.95 -8.29
C ILE D 150 -11.65 3.97 -8.33
N PRO D 151 -12.74 4.30 -9.04
CA PRO D 151 -13.84 3.33 -9.16
C PRO D 151 -13.35 2.07 -9.86
N ARG D 152 -13.91 0.93 -9.46
CA ARG D 152 -13.50 -0.31 -10.11
C ARG D 152 -13.73 -0.25 -11.62
N GLU D 153 -14.77 0.47 -12.07
CA GLU D 153 -15.00 0.60 -13.50
C GLU D 153 -13.82 1.26 -14.19
N GLU D 154 -13.24 2.28 -13.55
CA GLU D 154 -12.03 2.88 -14.11
C GLU D 154 -10.84 1.93 -14.02
N MET D 155 -10.72 1.16 -12.94
CA MET D 155 -9.63 0.20 -12.83
C MET D 155 -9.67 -0.82 -13.96
N LEU D 156 -10.88 -1.23 -14.37
CA LEU D 156 -11.02 -2.17 -15.48
C LEU D 156 -10.53 -1.55 -16.80
N GLN D 157 -10.94 -0.32 -17.09
CA GLN D 157 -10.38 0.39 -18.25
C GLN D 157 -8.86 0.44 -18.19
N MET D 158 -8.33 0.75 -17.01
CA MET D 158 -6.89 0.89 -16.86
C MET D 158 -6.19 -0.43 -17.09
N GLN D 159 -6.76 -1.50 -16.53
CA GLN D 159 -6.26 -2.85 -16.74
C GLN D 159 -6.19 -3.18 -18.22
N ASP D 160 -7.24 -2.83 -18.97
N ASP D 160 -7.24 -2.81 -18.95
CA ASP D 160 -7.30 -3.19 -20.39
CA ASP D 160 -7.32 -3.17 -20.35
C ASP D 160 -6.21 -2.48 -21.18
C ASP D 160 -6.19 -2.51 -21.14
N ILE D 161 -5.93 -1.23 -20.86
CA ILE D 161 -4.85 -0.50 -21.52
C ILE D 161 -3.50 -1.12 -21.20
N VAL D 162 -3.23 -1.34 -19.92
CA VAL D 162 -1.92 -1.85 -19.50
C VAL D 162 -1.67 -3.22 -20.11
N LEU D 163 -2.66 -4.12 -20.01
CA LEU D 163 -2.45 -5.47 -20.54
C LEU D 163 -2.27 -5.46 -22.06
N ASN D 164 -3.05 -4.64 -22.75
CA ASN D 164 -2.91 -4.63 -24.20
C ASN D 164 -1.63 -3.94 -24.66
N GLU D 165 -1.17 -2.90 -23.95
CA GLU D 165 0.07 -2.24 -24.36
C GLU D 165 1.27 -3.10 -24.04
N VAL D 166 1.21 -3.83 -22.93
CA VAL D 166 2.25 -4.77 -22.59
C VAL D 166 2.31 -5.89 -23.64
N LYS D 167 1.14 -6.39 -24.05
CA LYS D 167 1.09 -7.40 -25.10
C LYS D 167 1.78 -6.90 -26.37
N LYS D 168 1.54 -5.63 -26.74
CA LYS D 168 2.15 -5.08 -27.95
C LYS D 168 3.67 -5.04 -27.87
N VAL D 169 4.25 -4.87 -26.68
CA VAL D 169 5.70 -4.87 -26.55
C VAL D 169 6.26 -6.27 -26.82
N ASP D 170 5.71 -7.27 -26.13
CA ASP D 170 6.18 -8.66 -26.25
C ASP D 170 5.06 -9.56 -25.76
N SER D 171 4.55 -10.41 -26.64
CA SER D 171 3.46 -11.30 -26.30
C SER D 171 3.76 -12.20 -25.11
N GLU D 172 5.02 -12.33 -24.69
CA GLU D 172 5.34 -13.22 -23.59
C GLU D 172 5.30 -12.56 -22.22
N TYR D 173 5.17 -11.24 -22.15
CA TYR D 173 4.92 -10.60 -20.87
C TYR D 173 3.61 -11.11 -20.27
N ILE D 174 3.57 -11.18 -18.95
CA ILE D 174 2.29 -11.34 -18.26
C ILE D 174 2.19 -10.21 -17.23
N ALA D 175 1.17 -9.37 -17.36
CA ALA D 175 0.89 -8.32 -16.40
C ALA D 175 -0.37 -8.73 -15.63
N THR D 176 -0.28 -8.70 -14.31
CA THR D 176 -1.38 -9.02 -13.42
C THR D 176 -1.64 -7.81 -12.53
N VAL D 177 -2.90 -7.35 -12.47
CA VAL D 177 -3.24 -6.25 -11.57
C VAL D 177 -3.50 -6.85 -10.20
N CYS D 178 -2.77 -6.37 -9.19
CA CYS D 178 -2.87 -6.94 -7.85
C CYS D 178 -3.48 -5.94 -6.89
N GLY D 179 -2.94 -5.83 -5.68
CA GLY D 179 -3.50 -4.85 -4.76
C GLY D 179 -4.98 -5.10 -4.43
N SER D 180 -5.62 -4.03 -3.96
CA SER D 180 -7.05 -4.07 -3.64
C SER D 180 -7.91 -4.47 -4.83
N PHE D 181 -7.49 -4.14 -6.07
CA PHE D 181 -8.25 -4.57 -7.23
C PHE D 181 -8.37 -6.10 -7.28
N ARG D 182 -7.26 -6.80 -7.09
CA ARG D 182 -7.31 -8.27 -7.11
C ARG D 182 -8.11 -8.82 -5.93
N ARG D 183 -8.15 -8.09 -4.82
CA ARG D 183 -9.00 -8.46 -3.68
C ARG D 183 -10.47 -8.15 -3.92
N GLY D 184 -10.83 -7.69 -5.12
CA GLY D 184 -12.23 -7.46 -5.46
C GLY D 184 -12.81 -6.15 -5.01
N ALA D 185 -11.98 -5.18 -4.62
CA ALA D 185 -12.53 -3.95 -4.05
C ALA D 185 -13.30 -3.14 -5.09
N GLU D 186 -14.35 -2.46 -4.64
CA GLU D 186 -15.13 -1.63 -5.55
C GLU D 186 -14.47 -0.28 -5.82
N SER D 187 -13.47 0.10 -5.03
CA SER D 187 -12.63 1.24 -5.35
C SER D 187 -11.23 0.94 -4.84
N SER D 188 -10.23 1.51 -5.50
CA SER D 188 -8.83 1.32 -5.16
C SER D 188 -8.17 2.68 -4.95
N GLY D 189 -7.09 2.70 -4.15
CA GLY D 189 -6.32 3.92 -4.01
C GLY D 189 -5.32 4.15 -5.13
N ASP D 190 -4.94 3.08 -5.85
CA ASP D 190 -3.96 3.18 -6.92
C ASP D 190 -4.04 1.88 -7.72
N MET D 191 -3.16 1.75 -8.71
CA MET D 191 -3.07 0.54 -9.51
C MET D 191 -1.72 -0.12 -9.29
N ASP D 192 -1.76 -1.41 -8.94
CA ASP D 192 -0.56 -2.20 -8.72
C ASP D 192 -0.47 -3.28 -9.76
N VAL D 193 0.63 -3.29 -10.53
CA VAL D 193 0.78 -4.21 -11.64
C VAL D 193 1.99 -5.09 -11.42
N LEU D 194 1.76 -6.38 -11.35
N LEU D 194 1.76 -6.40 -11.41
CA LEU D 194 2.84 -7.36 -11.30
CA LEU D 194 2.81 -7.41 -11.30
C LEU D 194 3.18 -7.70 -12.75
C LEU D 194 3.19 -7.86 -12.71
N LEU D 195 4.47 -7.72 -13.06
CA LEU D 195 4.93 -8.02 -14.42
C LEU D 195 5.91 -9.19 -14.40
N THR D 196 5.72 -10.15 -15.29
CA THR D 196 6.72 -11.19 -15.52
C THR D 196 7.05 -11.29 -17.01
N HIS D 197 8.21 -11.88 -17.29
CA HIS D 197 8.65 -12.20 -18.63
C HIS D 197 9.56 -13.42 -18.53
N PRO D 198 9.45 -14.38 -19.44
CA PRO D 198 10.25 -15.61 -19.28
C PRO D 198 11.75 -15.38 -19.30
N SER D 199 12.24 -14.27 -19.87
CA SER D 199 13.67 -14.00 -19.88
C SER D 199 14.23 -13.70 -18.48
N PHE D 200 13.39 -13.29 -17.55
CA PHE D 200 13.83 -12.87 -16.23
C PHE D 200 13.36 -13.92 -15.23
N THR D 201 14.29 -14.75 -14.76
CA THR D 201 14.02 -15.76 -13.75
C THR D 201 14.96 -15.55 -12.57
N SER D 202 14.78 -16.36 -11.52
CA SER D 202 15.71 -16.34 -10.41
C SER D 202 17.09 -16.82 -10.83
N GLU D 203 17.20 -17.50 -11.95
CA GLU D 203 18.45 -18.08 -12.41
C GLU D 203 19.21 -17.18 -13.39
N SER D 204 18.51 -16.36 -14.17
CA SER D 204 19.22 -15.53 -15.13
C SER D 204 18.33 -14.37 -15.58
N THR D 205 18.98 -13.27 -15.94
CA THR D 205 18.35 -12.16 -16.64
C THR D 205 18.89 -12.20 -18.06
N LYS D 206 18.08 -12.73 -18.98
CA LYS D 206 18.50 -13.00 -20.34
C LYS D 206 18.21 -11.86 -21.29
N GLN D 207 17.67 -10.74 -20.79
CA GLN D 207 17.26 -9.62 -21.63
C GLN D 207 17.23 -8.35 -20.79
N PRO D 208 17.90 -7.28 -21.20
CA PRO D 208 17.89 -6.04 -20.43
C PRO D 208 16.62 -5.25 -20.67
N LYS D 209 16.45 -4.20 -19.86
CA LYS D 209 15.41 -3.19 -20.05
C LYS D 209 13.98 -3.76 -20.06
N LEU D 210 13.75 -4.94 -19.46
CA LEU D 210 12.42 -5.53 -19.54
C LEU D 210 11.36 -4.62 -18.93
N LEU D 211 11.68 -3.97 -17.80
CA LEU D 211 10.73 -3.03 -17.20
C LEU D 211 10.70 -1.71 -17.95
N HIS D 212 11.87 -1.23 -18.37
CA HIS D 212 11.95 0.02 -19.09
C HIS D 212 11.11 0.01 -20.36
N GLN D 213 11.22 -1.05 -21.16
CA GLN D 213 10.47 -1.14 -22.42
C GLN D 213 8.97 -0.99 -22.19
N VAL D 214 8.46 -1.61 -21.12
CA VAL D 214 7.04 -1.50 -20.79
C VAL D 214 6.69 -0.08 -20.36
N VAL D 215 7.53 0.52 -19.51
CA VAL D 215 7.26 1.88 -19.06
C VAL D 215 7.26 2.84 -20.25
N GLU D 216 8.24 2.70 -21.15
CA GLU D 216 8.33 3.53 -22.34
C GLU D 216 7.07 3.45 -23.19
N GLN D 217 6.61 2.22 -23.46
CA GLN D 217 5.40 2.04 -24.25
C GLN D 217 4.19 2.72 -23.59
N LEU D 218 4.05 2.59 -22.27
CA LEU D 218 2.93 3.24 -21.58
C LEU D 218 3.08 4.75 -21.58
N GLN D 219 4.32 5.26 -21.63
CA GLN D 219 4.51 6.69 -21.77
C GLN D 219 4.21 7.14 -23.19
N LYS D 220 4.64 6.35 -24.18
CA LYS D 220 4.38 6.68 -25.57
C LYS D 220 2.90 6.86 -25.86
N VAL D 221 2.04 6.04 -25.24
CA VAL D 221 0.60 6.13 -25.50
C VAL D 221 -0.05 7.08 -24.50
N HIS D 222 0.78 7.84 -23.79
CA HIS D 222 0.36 8.87 -22.83
C HIS D 222 -0.44 8.31 -21.67
N PHE D 223 -0.26 7.02 -21.35
CA PHE D 223 -0.87 6.49 -20.13
C PHE D 223 -0.06 6.85 -18.90
N ILE D 224 1.24 6.52 -18.90
CA ILE D 224 2.11 7.00 -17.84
C ILE D 224 2.45 8.45 -18.14
N THR D 225 2.27 9.32 -17.15
CA THR D 225 2.48 10.76 -17.31
C THR D 225 3.65 11.30 -16.52
N ASP D 226 4.07 10.63 -15.45
CA ASP D 226 5.13 11.10 -14.57
C ASP D 226 5.78 9.91 -13.91
N THR D 227 7.05 10.08 -13.53
CA THR D 227 7.81 9.06 -12.81
C THR D 227 8.19 9.56 -11.42
N LEU D 228 7.89 8.78 -10.39
CA LEU D 228 8.35 9.15 -9.07
C LEU D 228 9.67 8.47 -8.74
N SER D 229 9.81 7.22 -9.18
CA SER D 229 11.07 6.52 -9.04
C SER D 229 11.04 5.34 -9.98
N LYS D 230 12.23 4.88 -10.37
CA LYS D 230 12.31 3.84 -11.38
C LYS D 230 13.65 3.13 -11.24
N GLY D 231 13.61 1.81 -11.16
CA GLY D 231 14.80 1.00 -11.20
C GLY D 231 14.59 -0.18 -12.12
N GLU D 232 15.42 -1.23 -11.98
N GLU D 232 15.43 -1.22 -11.98
CA GLU D 232 15.33 -2.38 -12.87
CA GLU D 232 15.34 -2.38 -12.86
C GLU D 232 14.12 -3.25 -12.57
C GLU D 232 14.11 -3.23 -12.57
N THR D 233 13.62 -3.27 -11.33
CA THR D 233 12.47 -4.11 -11.03
C THR D 233 11.25 -3.38 -10.52
N LYS D 234 11.36 -2.11 -10.11
CA LYS D 234 10.22 -1.39 -9.54
C LYS D 234 10.06 -0.03 -10.19
N PHE D 235 8.87 0.24 -10.71
CA PHE D 235 8.47 1.56 -11.19
C PHE D 235 7.39 2.11 -10.29
N MET D 236 7.50 3.39 -9.95
N MET D 236 7.52 3.37 -9.90
CA MET D 236 6.52 4.12 -9.16
CA MET D 236 6.49 4.10 -9.18
C MET D 236 6.23 5.44 -9.88
C MET D 236 6.25 5.40 -9.93
N GLY D 237 5.01 5.64 -10.33
CA GLY D 237 4.72 6.81 -11.11
C GLY D 237 3.27 7.18 -11.15
N VAL D 238 2.90 7.88 -12.23
CA VAL D 238 1.59 8.50 -12.37
C VAL D 238 1.02 8.07 -13.71
N CYS D 239 -0.29 7.81 -13.74
CA CYS D 239 -0.95 7.45 -14.99
C CYS D 239 -2.29 8.15 -15.07
N GLN D 240 -2.92 8.06 -16.25
CA GLN D 240 -4.19 8.75 -16.48
C GLN D 240 -4.92 8.10 -17.64
N LEU D 241 -6.20 7.78 -17.42
CA LEU D 241 -7.06 7.34 -18.50
C LEU D 241 -7.24 8.46 -19.53
N PRO D 242 -7.40 8.10 -20.80
CA PRO D 242 -7.77 9.10 -21.81
C PRO D 242 -9.25 9.44 -21.70
N SER D 243 -9.57 10.69 -21.92
CA SER D 243 -10.95 11.15 -21.89
C SER D 243 -11.45 11.38 -23.31
N LYS D 244 -12.77 11.42 -23.47
CA LYS D 244 -13.37 11.58 -24.78
C LYS D 244 -13.52 13.06 -25.16
N ASN D 245 -13.92 13.31 -26.39
CA ASN D 245 -14.12 14.67 -26.86
C ASN D 245 -15.06 15.43 -25.92
N ASP D 246 -14.64 16.63 -25.52
CA ASP D 246 -15.41 17.58 -24.73
C ASP D 246 -15.58 17.24 -23.25
N GLU D 247 -15.19 16.06 -22.81
CA GLU D 247 -15.44 15.72 -21.41
C GLU D 247 -14.23 16.01 -20.54
N LYS D 248 -14.49 16.26 -19.25
CA LYS D 248 -13.43 16.60 -18.31
C LYS D 248 -12.41 15.46 -18.24
N GLU D 249 -11.16 15.81 -17.92
CA GLU D 249 -10.15 14.77 -17.81
C GLU D 249 -10.37 13.96 -16.53
N TYR D 250 -9.97 12.69 -16.59
CA TYR D 250 -9.91 11.86 -15.39
C TYR D 250 -8.83 12.38 -14.45
N PRO D 251 -8.93 12.10 -13.16
CA PRO D 251 -7.85 12.45 -12.24
C PRO D 251 -6.61 11.63 -12.56
N HIS D 252 -5.45 12.20 -12.28
CA HIS D 252 -4.22 11.43 -12.39
C HIS D 252 -4.17 10.42 -11.23
N ARG D 253 -3.58 9.26 -11.49
CA ARG D 253 -3.60 8.13 -10.56
C ARG D 253 -2.18 7.63 -10.34
N ARG D 254 -1.95 7.11 -9.13
CA ARG D 254 -0.68 6.47 -8.81
C ARG D 254 -0.63 5.06 -9.39
N ILE D 255 0.49 4.72 -10.01
CA ILE D 255 0.68 3.37 -10.54
C ILE D 255 2.04 2.85 -10.07
N ASP D 256 2.04 1.61 -9.59
CA ASP D 256 3.26 0.92 -9.22
C ASP D 256 3.37 -0.32 -10.12
N ILE D 257 4.56 -0.57 -10.62
CA ILE D 257 4.81 -1.75 -11.43
C ILE D 257 6.01 -2.47 -10.84
N ARG D 258 5.86 -3.77 -10.59
CA ARG D 258 6.90 -4.59 -9.98
C ARG D 258 7.20 -5.77 -10.90
N LEU D 259 8.42 -5.85 -11.41
CA LEU D 259 8.86 -6.95 -12.25
C LEU D 259 9.45 -8.02 -11.34
N ILE D 260 8.86 -9.23 -11.39
CA ILE D 260 9.22 -10.32 -10.48
C ILE D 260 9.73 -11.48 -11.31
N PRO D 261 10.75 -12.23 -10.85
CA PRO D 261 11.21 -13.41 -11.60
C PRO D 261 10.06 -14.37 -11.87
N LYS D 262 9.98 -14.84 -13.11
CA LYS D 262 8.79 -15.57 -13.54
C LYS D 262 8.58 -16.84 -12.75
N ASP D 263 9.68 -17.49 -12.33
CA ASP D 263 9.49 -18.70 -11.55
C ASP D 263 9.06 -18.40 -10.11
N GLN D 264 9.11 -17.13 -9.69
CA GLN D 264 8.68 -16.74 -8.34
C GLN D 264 7.36 -15.98 -8.36
N TYR D 265 6.53 -16.25 -9.37
CA TYR D 265 5.27 -15.53 -9.55
C TYR D 265 4.36 -15.65 -8.32
N TYR D 266 4.25 -16.84 -7.74
CA TYR D 266 3.25 -17.02 -6.69
C TYR D 266 3.62 -16.26 -5.42
N CYS D 267 4.89 -16.31 -5.00
CA CYS D 267 5.27 -15.46 -3.88
C CYS D 267 5.06 -13.98 -4.22
N GLY D 268 5.35 -13.60 -5.46
CA GLY D 268 5.21 -12.20 -5.84
C GLY D 268 3.76 -11.74 -5.87
N VAL D 269 2.87 -12.59 -6.38
CA VAL D 269 1.46 -12.21 -6.43
C VAL D 269 0.82 -12.28 -5.04
N LEU D 270 1.31 -13.16 -4.15
CA LEU D 270 0.86 -13.10 -2.76
C LEU D 270 1.23 -11.77 -2.13
N TYR D 271 2.52 -11.37 -2.23
CA TYR D 271 2.96 -10.08 -1.69
C TYR D 271 2.12 -8.92 -2.25
N PHE D 272 2.00 -8.80 -3.58
CA PHE D 272 1.41 -7.60 -4.20
C PHE D 272 -0.11 -7.60 -4.07
N THR D 273 -0.73 -8.73 -3.77
CA THR D 273 -2.16 -8.71 -3.52
C THR D 273 -2.48 -8.19 -2.12
N GLY D 274 -1.58 -8.38 -1.16
CA GLY D 274 -1.81 -7.90 0.20
C GLY D 274 -3.10 -8.41 0.86
N SER D 275 -3.73 -7.62 1.73
CA SER D 275 -3.35 -6.25 2.09
C SER D 275 -2.00 -6.13 2.78
N ASP D 276 -1.53 -4.91 3.01
CA ASP D 276 -0.31 -4.71 3.79
C ASP D 276 -0.42 -5.37 5.16
N ILE D 277 -1.54 -5.15 5.86
CA ILE D 277 -1.69 -5.74 7.19
C ILE D 277 -1.79 -7.25 7.09
N PHE D 278 -2.50 -7.76 6.07
CA PHE D 278 -2.56 -9.20 5.89
C PHE D 278 -1.17 -9.80 5.71
N ASN D 279 -0.31 -9.12 4.95
CA ASN D 279 1.07 -9.56 4.74
C ASN D 279 1.86 -9.57 6.05
N LYS D 280 1.72 -8.51 6.86
CA LYS D 280 2.43 -8.46 8.13
C LYS D 280 1.95 -9.59 9.05
N ASN D 281 0.64 -9.83 9.09
CA ASN D 281 0.10 -10.93 9.88
C ASN D 281 0.63 -12.27 9.39
N MET D 282 0.58 -12.49 8.08
CA MET D 282 0.96 -13.78 7.54
C MET D 282 2.46 -14.03 7.70
N ARG D 283 3.28 -13.01 7.45
CA ARG D 283 4.72 -13.17 7.62
C ARG D 283 5.09 -13.36 9.09
N ALA D 284 4.39 -12.68 10.01
CA ALA D 284 4.62 -12.93 11.43
C ALA D 284 4.26 -14.36 11.81
N HIS D 285 3.16 -14.88 11.26
CA HIS D 285 2.78 -16.27 11.51
C HIS D 285 3.79 -17.24 10.92
N ALA D 286 4.29 -16.96 9.71
CA ALA D 286 5.37 -17.74 9.14
C ALA D 286 6.55 -17.84 10.09
N LEU D 287 6.99 -16.71 10.63
CA LEU D 287 8.10 -16.69 11.57
C LEU D 287 7.81 -17.57 12.79
N GLU D 288 6.60 -17.44 13.36
CA GLU D 288 6.23 -18.30 14.47
C GLU D 288 6.27 -19.77 14.08
N LYS D 289 5.98 -20.07 12.81
CA LYS D 289 6.01 -21.44 12.31
C LYS D 289 7.39 -21.87 11.84
N GLY D 290 8.38 -20.99 11.94
CA GLY D 290 9.72 -21.34 11.49
C GLY D 290 9.99 -21.15 10.02
N PHE D 291 9.32 -20.20 9.38
CA PHE D 291 9.60 -19.89 7.98
C PHE D 291 9.73 -18.39 7.84
N THR D 292 10.32 -17.95 6.73
CA THR D 292 10.32 -16.53 6.39
C THR D 292 9.81 -16.37 4.96
N ILE D 293 8.89 -15.43 4.76
CA ILE D 293 8.27 -15.19 3.46
C ILE D 293 8.62 -13.78 3.00
N ASN D 294 9.17 -13.68 1.78
CA ASN D 294 9.25 -12.42 1.07
C ASN D 294 8.55 -12.58 -0.29
N GLU D 295 8.67 -11.55 -1.14
CA GLU D 295 7.95 -11.58 -2.42
C GLU D 295 8.58 -12.52 -3.43
N TYR D 296 9.67 -13.20 -3.08
CA TYR D 296 10.34 -14.13 -3.96
C TYR D 296 10.22 -15.58 -3.52
N THR D 297 10.36 -15.83 -2.22
CA THR D 297 10.56 -17.19 -1.73
C THR D 297 9.88 -17.33 -0.38
N ILE D 298 9.62 -18.58 -0.01
CA ILE D 298 9.45 -18.96 1.39
C ILE D 298 10.57 -19.93 1.73
N ARG D 299 11.28 -19.64 2.82
N ARG D 299 11.28 -19.64 2.82
CA ARG D 299 12.45 -20.41 3.25
CA ARG D 299 12.44 -20.41 3.25
C ARG D 299 12.29 -20.82 4.69
C ARG D 299 12.27 -20.84 4.70
N PRO D 300 12.84 -21.99 5.08
CA PRO D 300 12.84 -22.36 6.49
C PRO D 300 13.84 -21.52 7.27
N LEU D 301 13.59 -21.39 8.57
CA LEU D 301 14.57 -20.83 9.49
C LEU D 301 15.39 -21.95 10.13
N GLY D 302 16.71 -21.83 10.07
CA GLY D 302 17.61 -22.81 10.65
C GLY D 302 17.86 -22.65 12.13
N GLY D 305 19.43 -18.99 13.78
CA GLY D 305 18.22 -18.50 13.14
C GLY D 305 18.44 -17.85 11.78
N VAL D 306 18.97 -18.63 10.84
CA VAL D 306 19.37 -18.15 9.52
C VAL D 306 18.53 -18.85 8.47
N ALA D 307 18.06 -18.08 7.48
CA ALA D 307 17.20 -18.62 6.43
C ALA D 307 17.90 -19.72 5.65
N GLY D 308 17.15 -20.76 5.30
CA GLY D 308 17.64 -21.83 4.46
C GLY D 308 17.31 -21.60 2.99
N GLU D 309 17.33 -22.70 2.22
CA GLU D 309 17.06 -22.65 0.79
C GLU D 309 15.56 -22.52 0.51
N PRO D 310 15.21 -21.91 -0.62
CA PRO D 310 13.79 -21.71 -0.95
C PRO D 310 13.04 -23.03 -1.12
N LEU D 311 11.80 -23.06 -0.63
CA LEU D 311 10.98 -24.25 -0.71
C LEU D 311 10.17 -24.25 -2.00
N PRO D 312 9.87 -25.43 -2.56
CA PRO D 312 9.10 -25.46 -3.81
C PRO D 312 7.72 -24.88 -3.63
N VAL D 313 7.30 -24.08 -4.61
CA VAL D 313 6.02 -23.38 -4.57
C VAL D 313 5.41 -23.45 -5.97
N ASP D 314 4.24 -24.06 -6.07
CA ASP D 314 3.54 -24.12 -7.35
C ASP D 314 2.15 -23.49 -7.28
N SER D 315 1.81 -22.82 -6.19
CA SER D 315 0.54 -22.12 -6.08
C SER D 315 0.65 -21.21 -4.88
N GLU D 316 -0.22 -20.19 -4.86
CA GLU D 316 -0.34 -19.40 -3.64
C GLU D 316 -0.70 -20.29 -2.46
N LYS D 317 -1.53 -21.30 -2.71
CA LYS D 317 -1.99 -22.18 -1.63
C LYS D 317 -0.84 -22.95 -1.01
N ASP D 318 0.16 -23.30 -1.81
CA ASP D 318 1.34 -23.98 -1.26
C ASP D 318 1.96 -23.17 -0.13
N ILE D 319 1.97 -21.84 -0.28
CA ILE D 319 2.57 -20.98 0.74
C ILE D 319 1.77 -21.06 2.03
N PHE D 320 0.43 -20.94 1.93
CA PHE D 320 -0.45 -21.13 3.09
C PHE D 320 -0.24 -22.50 3.77
N ASP D 321 -0.17 -23.57 2.96
CA ASP D 321 0.03 -24.91 3.51
C ASP D 321 1.31 -24.99 4.36
N TYR D 322 2.41 -24.39 3.87
CA TYR D 322 3.67 -24.44 4.61
C TYR D 322 3.53 -23.93 6.03
N ILE D 323 2.74 -22.86 6.22
CA ILE D 323 2.60 -22.26 7.53
C ILE D 323 1.33 -22.73 8.23
N GLN D 324 0.65 -23.75 7.68
CA GLN D 324 -0.50 -24.39 8.33
C GLN D 324 -1.67 -23.41 8.46
N TRP D 325 -1.88 -22.63 7.42
CA TRP D 325 -3.07 -21.79 7.26
C TRP D 325 -3.96 -22.38 6.18
N LYS D 326 -5.25 -22.48 6.47
CA LYS D 326 -6.21 -22.74 5.39
C LYS D 326 -6.12 -21.62 4.37
N TYR D 327 -6.37 -21.96 3.11
CA TYR D 327 -6.19 -20.98 2.03
C TYR D 327 -7.23 -19.88 2.17
N ARG D 328 -6.82 -18.65 1.88
CA ARG D 328 -7.75 -17.53 1.90
C ARG D 328 -7.68 -16.84 0.55
N GLU D 329 -8.82 -16.83 -0.16
CA GLU D 329 -8.91 -16.17 -1.45
C GLU D 329 -8.56 -14.69 -1.31
N PRO D 330 -8.17 -14.03 -2.41
CA PRO D 330 -7.78 -12.62 -2.32
C PRO D 330 -8.81 -11.75 -1.63
N LYS D 331 -10.09 -11.95 -1.94
CA LYS D 331 -11.15 -11.12 -1.39
C LYS D 331 -11.29 -11.26 0.12
N ASP D 332 -10.69 -12.30 0.72
CA ASP D 332 -10.71 -12.40 2.18
C ASP D 332 -9.39 -11.97 2.80
N ARG D 333 -8.57 -11.22 2.06
CA ARG D 333 -7.29 -10.75 2.59
C ARG D 333 -7.31 -9.27 2.87
N SER D 334 -8.50 -8.66 2.88
CA SER D 334 -8.60 -7.22 3.08
C SER D 334 -8.59 -6.92 4.57
N GLU D 335 -7.42 -7.06 5.16
CA GLU D 335 -7.24 -6.68 6.56
C GLU D 335 -6.68 -5.26 6.68
#